data_8OXE
#
_entry.id   8OXE
#
_cell.length_a   89.610
_cell.length_b   140.770
_cell.length_c   55.560
_cell.angle_alpha   90.000
_cell.angle_beta   90.000
_cell.angle_gamma   90.000
#
_symmetry.space_group_name_H-M   'C 2 2 2'
#
loop_
_entity.id
_entity.type
_entity.pdbx_description
1 polymer 'Inositol-tetrakisphosphate 1-kinase'
2 non-polymer "ADENOSINE-5'-DIPHOSPHATE"
3 non-polymer 'MAGNESIUM ION'
4 water water
#
_entity_poly.entity_id   1
_entity_poly.type   'polypeptide(L)'
_entity_poly.pdbx_seq_one_letter_code
;GPMKMAEPMRRYSVGYALAPKKQASFIQVSLVNLAKERGIDLIKIDTDKPLIDQGPFDCVLHKMDGDDWKRQLKEYGSEF
PQALIIDSPEAIERLHNRISMLQAVGEVEIDCENASFGIPKQTVIYDAKMVSAINLENEGLEFPVIAKPLVADGSAKSHK
MLLVFNKDGLRKLKPPIVLQEFVNHGAVIFKVYVVGDYVKCVKRKSLPDVKEDGLGRLESYLPFSQVSNLNNFEKNDDKY
YKLMNLENAEYPPLSFLTNIARGLRRVTKLHLFNFDVIRDDRVGNRYLIIDINYFPGYAKMPNYERVLTDFFWDVLNQND
KS
;
_entity_poly.pdbx_strand_id   A
#
# COMPACT_ATOMS: atom_id res chain seq x y z
N ARG A 10 27.60 -18.54 1.79
CA ARG A 10 27.08 -18.25 3.13
C ARG A 10 27.57 -16.90 3.62
N ARG A 11 26.73 -16.25 4.44
CA ARG A 11 26.98 -14.94 5.03
C ARG A 11 26.74 -13.81 4.06
N TYR A 12 25.48 -13.46 3.85
CA TYR A 12 25.11 -12.24 3.16
C TYR A 12 24.81 -11.14 4.18
N SER A 13 25.07 -9.91 3.77
CA SER A 13 24.81 -8.75 4.61
C SER A 13 23.69 -7.92 4.01
N VAL A 14 22.77 -7.49 4.87
CA VAL A 14 21.65 -6.64 4.48
C VAL A 14 21.74 -5.34 5.28
N GLY A 15 22.05 -4.25 4.64
CA GLY A 15 22.04 -2.95 5.29
C GLY A 15 20.64 -2.37 5.19
N TYR A 16 20.15 -1.82 6.31
CA TYR A 16 18.80 -1.30 6.37
C TYR A 16 18.79 0.15 6.82
N ALA A 17 18.02 0.98 6.11
CA ALA A 17 17.83 2.40 6.39
C ALA A 17 16.33 2.63 6.55
N LEU A 18 15.91 2.78 7.80
CA LEU A 18 14.51 2.89 8.15
C LEU A 18 14.37 3.98 9.20
N ALA A 19 13.18 4.60 9.26
CA ALA A 19 12.91 5.60 10.28
C ALA A 19 12.92 4.95 11.67
N PRO A 20 13.18 5.73 12.74
CA PRO A 20 13.25 5.12 14.09
C PRO A 20 12.00 4.34 14.48
N LYS A 21 10.78 4.79 14.11
CA LYS A 21 9.61 4.01 14.48
C LYS A 21 9.49 2.75 13.64
N LYS A 22 10.00 2.77 12.41
CA LYS A 22 10.00 1.56 11.61
C LYS A 22 11.06 0.56 12.09
N GLN A 23 12.24 1.04 12.53
CA GLN A 23 13.22 0.15 13.15
C GLN A 23 12.64 -0.53 14.38
N ALA A 24 12.00 0.26 15.24
CA ALA A 24 11.45 -0.31 16.47
C ALA A 24 10.45 -1.42 16.15
N SER A 25 9.65 -1.26 15.09
CA SER A 25 8.67 -2.31 14.84
C SER A 25 9.23 -3.44 13.97
N PHE A 26 10.06 -3.15 12.96
CA PHE A 26 10.56 -4.22 12.09
C PHE A 26 11.77 -4.95 12.69
N ILE A 27 12.80 -4.21 13.09
CA ILE A 27 14.05 -4.80 13.57
C ILE A 27 13.88 -5.24 15.02
N GLN A 28 13.33 -6.42 15.23
CA GLN A 28 13.20 -7.00 16.55
C GLN A 28 14.32 -7.99 16.76
N VAL A 29 14.52 -8.36 18.03
CA VAL A 29 15.58 -9.28 18.40
C VAL A 29 15.41 -10.61 17.68
N SER A 30 14.19 -11.15 17.70
CA SER A 30 13.90 -12.42 17.03
C SER A 30 14.27 -12.36 15.56
N LEU A 31 13.94 -11.25 14.88
CA LEU A 31 14.29 -11.17 13.46
C LEU A 31 15.80 -11.12 13.28
N VAL A 32 16.48 -10.24 14.02
CA VAL A 32 17.94 -10.17 13.96
C VAL A 32 18.58 -11.54 14.21
N ASN A 33 18.21 -12.17 15.32
CA ASN A 33 18.85 -13.43 15.69
C ASN A 33 18.52 -14.55 14.69
N LEU A 34 17.26 -14.63 14.24
CA LEU A 34 16.91 -15.70 13.29
C LEU A 34 17.61 -15.49 11.95
N ALA A 35 17.65 -14.25 11.44
CA ALA A 35 18.40 -14.02 10.20
C ALA A 35 19.87 -14.35 10.38
N LYS A 36 20.43 -14.07 11.55
CA LYS A 36 21.86 -14.32 11.75
C LYS A 36 22.21 -15.80 11.69
N GLU A 37 21.32 -16.70 12.12
CA GLU A 37 21.68 -18.12 12.02
C GLU A 37 21.48 -18.66 10.61
N ARG A 38 20.64 -18.01 9.81
CA ARG A 38 20.49 -18.36 8.41
C ARG A 38 21.58 -17.73 7.56
N GLY A 39 22.46 -16.94 8.17
CA GLY A 39 23.54 -16.31 7.45
C GLY A 39 23.24 -14.94 6.91
N ILE A 40 22.17 -14.30 7.35
CA ILE A 40 21.84 -12.95 6.90
C ILE A 40 22.22 -11.99 8.02
N ASP A 41 23.16 -11.11 7.74
CA ASP A 41 23.60 -10.12 8.71
C ASP A 41 22.87 -8.81 8.45
N LEU A 42 21.99 -8.42 9.36
CA LEU A 42 21.24 -7.20 9.23
C LEU A 42 22.07 -6.07 9.82
N ILE A 43 22.47 -5.09 9.00
CA ILE A 43 23.35 -4.03 9.47
C ILE A 43 22.68 -2.68 9.30
N LYS A 44 22.72 -1.89 10.37
CA LYS A 44 22.07 -0.59 10.37
C LYS A 44 22.88 0.40 9.55
N ILE A 45 22.22 1.02 8.58
CA ILE A 45 22.84 2.09 7.79
C ILE A 45 22.76 3.39 8.58
N ASP A 46 23.90 4.04 8.77
CA ASP A 46 23.88 5.42 9.28
C ASP A 46 23.54 6.35 8.12
N THR A 47 22.34 6.92 8.14
CA THR A 47 21.96 7.80 7.04
C THR A 47 22.52 9.21 7.19
N ASP A 48 23.18 9.52 8.31
CA ASP A 48 23.89 10.78 8.49
C ASP A 48 25.30 10.75 7.91
N LYS A 49 25.64 9.70 7.17
CA LYS A 49 26.93 9.52 6.50
C LYS A 49 26.68 8.94 5.11
N PRO A 50 27.49 9.32 4.12
CA PRO A 50 27.24 8.85 2.74
C PRO A 50 27.10 7.34 2.68
N LEU A 51 26.07 6.88 1.97
CA LEU A 51 25.82 5.45 1.81
C LEU A 51 27.05 4.74 1.25
N ILE A 52 27.65 5.33 0.21
CA ILE A 52 28.77 4.75 -0.52
C ILE A 52 30.00 4.50 0.36
N ASP A 53 30.03 5.07 1.57
CA ASP A 53 31.18 4.92 2.46
C ASP A 53 30.91 3.87 3.53
N GLN A 54 29.85 3.10 3.39
CA GLN A 54 29.47 2.09 4.36
C GLN A 54 29.44 0.74 3.67
N GLY A 55 29.37 -0.32 4.47
CA GLY A 55 29.32 -1.67 3.95
C GLY A 55 30.63 -2.12 3.33
N PRO A 56 30.65 -2.40 2.02
CA PRO A 56 29.52 -2.61 1.08
C PRO A 56 28.55 -3.66 1.61
N PHE A 57 27.30 -3.63 1.13
CA PHE A 57 26.29 -4.62 1.50
C PHE A 57 25.86 -5.39 0.26
N ASP A 58 25.47 -6.65 0.49
CA ASP A 58 24.85 -7.44 -0.59
C ASP A 58 23.49 -6.87 -0.95
N CYS A 59 22.78 -6.37 0.03
CA CYS A 59 21.43 -5.86 -0.17
C CYS A 59 21.26 -4.61 0.69
N VAL A 60 20.53 -3.63 0.14
CA VAL A 60 20.17 -2.40 0.83
C VAL A 60 18.65 -2.36 0.93
N LEU A 61 18.14 -2.45 2.16
CA LEU A 61 16.71 -2.44 2.39
C LEU A 61 16.35 -1.09 2.98
N HIS A 62 15.41 -0.38 2.38
CA HIS A 62 15.23 0.98 2.86
C HIS A 62 13.77 1.41 2.78
N LYS A 63 13.46 2.44 3.56
CA LYS A 63 12.19 3.14 3.48
C LYS A 63 12.44 4.55 4.00
N MET A 64 12.96 5.40 3.11
CA MET A 64 13.36 6.76 3.40
C MET A 64 12.81 7.73 2.37
N ASP A 65 12.46 8.93 2.82
CA ASP A 65 11.92 9.98 1.96
C ASP A 65 13.02 10.92 1.50
N GLY A 66 12.72 11.69 0.45
CA GLY A 66 13.57 12.80 0.03
C GLY A 66 14.48 12.45 -1.12
N ASP A 67 14.82 13.48 -1.89
CA ASP A 67 15.70 13.32 -3.06
C ASP A 67 17.14 12.94 -2.67
N ASP A 68 17.64 13.38 -1.51
CA ASP A 68 19.05 13.13 -1.23
C ASP A 68 19.30 11.65 -0.99
N TRP A 69 18.37 10.96 -0.30
CA TRP A 69 18.50 9.52 -0.19
C TRP A 69 18.47 8.87 -1.57
N LYS A 70 17.58 9.35 -2.46
CA LYS A 70 17.57 8.89 -3.85
C LYS A 70 18.93 9.10 -4.51
N ARG A 71 19.51 10.27 -4.31
CA ARG A 71 20.84 10.56 -4.85
C ARG A 71 21.88 9.57 -4.34
N GLN A 72 21.77 9.22 -3.05
CA GLN A 72 22.76 8.35 -2.44
C GLN A 72 22.60 6.91 -2.91
N LEU A 73 21.37 6.44 -3.09
CA LEU A 73 21.14 5.11 -3.63
C LEU A 73 21.74 4.97 -5.03
N LYS A 74 21.43 5.92 -5.90
CA LYS A 74 22.03 5.94 -7.24
C LYS A 74 23.55 5.94 -7.17
N GLU A 75 24.12 6.83 -6.34
CA GLU A 75 25.56 6.84 -6.13
C GLU A 75 26.07 5.47 -5.68
N TYR A 76 25.37 4.86 -4.72
CA TYR A 76 25.79 3.58 -4.20
C TYR A 76 25.68 2.49 -5.25
N GLY A 77 24.54 2.43 -5.94
CA GLY A 77 24.30 1.37 -6.90
C GLY A 77 25.20 1.45 -8.10
N SER A 78 25.74 2.65 -8.38
CA SER A 78 26.70 2.84 -9.46
C SER A 78 28.06 2.25 -9.10
N GLU A 79 28.43 2.31 -7.83
CA GLU A 79 29.71 1.77 -7.39
C GLU A 79 29.60 0.28 -7.09
N PHE A 80 28.42 -0.19 -6.74
CA PHE A 80 28.17 -1.60 -6.44
C PHE A 80 26.96 -2.07 -7.25
N PRO A 81 27.13 -2.26 -8.56
CA PRO A 81 25.96 -2.54 -9.42
C PRO A 81 25.38 -3.93 -9.23
N GLN A 82 26.07 -4.80 -8.48
CA GLN A 82 25.59 -6.13 -8.14
C GLN A 82 24.84 -6.17 -6.81
N ALA A 83 24.86 -5.11 -6.02
CA ALA A 83 24.05 -5.07 -4.82
C ALA A 83 22.58 -4.98 -5.17
N LEU A 84 21.74 -5.71 -4.42
CA LEU A 84 20.31 -5.67 -4.64
C LEU A 84 19.72 -4.53 -3.82
N ILE A 85 18.84 -3.73 -4.41
CA ILE A 85 18.19 -2.60 -3.73
C ILE A 85 16.71 -2.95 -3.56
N ILE A 86 16.26 -3.06 -2.29
CA ILE A 86 14.86 -3.34 -1.97
C ILE A 86 14.30 -2.09 -1.27
N ASP A 87 13.48 -1.30 -1.97
CA ASP A 87 13.14 -1.50 -3.37
C ASP A 87 13.59 -0.33 -4.22
N SER A 88 13.30 -0.41 -5.52
CA SER A 88 13.73 0.66 -6.42
C SER A 88 13.04 1.97 -6.05
N PRO A 89 13.76 3.09 -5.95
CA PRO A 89 13.08 4.33 -5.56
C PRO A 89 12.04 4.81 -6.56
N GLU A 90 12.22 4.59 -7.88
CA GLU A 90 11.15 4.96 -8.81
C GLU A 90 9.91 4.09 -8.62
N ALA A 91 10.09 2.81 -8.26
CA ALA A 91 8.94 1.94 -8.03
C ALA A 91 8.19 2.35 -6.76
N ILE A 92 8.93 2.55 -5.68
CA ILE A 92 8.35 3.12 -4.46
C ILE A 92 7.62 4.43 -4.74
N GLU A 93 8.17 5.25 -5.62
CA GLU A 93 7.66 6.62 -5.77
C GLU A 93 6.30 6.65 -6.47
N ARG A 94 6.01 5.67 -7.35
CA ARG A 94 4.68 5.55 -7.95
C ARG A 94 3.58 5.48 -6.90
N LEU A 95 3.87 5.00 -5.69
CA LEU A 95 2.82 4.89 -4.68
C LEU A 95 2.56 6.19 -3.95
N HIS A 96 3.28 7.28 -4.26
CA HIS A 96 3.16 8.54 -3.55
C HIS A 96 2.14 9.50 -4.15
N ASN A 97 1.60 9.20 -5.33
CA ASN A 97 0.54 9.96 -5.94
C ASN A 97 -0.59 8.95 -6.17
N ARG A 98 -1.82 9.31 -5.79
CA ARG A 98 -2.84 8.27 -5.71
C ARG A 98 -3.35 7.87 -7.10
N ILE A 99 -3.18 8.73 -8.11
CA ILE A 99 -3.46 8.33 -9.49
C ILE A 99 -2.47 7.26 -9.96
N SER A 100 -1.17 7.57 -9.87
CA SER A 100 -0.17 6.65 -10.39
C SER A 100 -0.11 5.38 -9.56
N MET A 101 -0.44 5.47 -8.27
CA MET A 101 -0.49 4.32 -7.38
C MET A 101 -1.24 3.13 -7.97
N LEU A 102 -2.42 3.39 -8.55
CA LEU A 102 -3.31 2.31 -8.97
C LEU A 102 -3.11 1.92 -10.43
N GLN A 103 -2.15 2.55 -11.13
CA GLN A 103 -1.97 2.30 -12.56
C GLN A 103 -1.50 0.90 -12.82
N ALA A 104 -0.74 0.32 -11.91
CA ALA A 104 -0.23 -1.03 -12.06
C ALA A 104 -1.36 -2.07 -12.19
N VAL A 105 -2.50 -1.82 -11.54
CA VAL A 105 -3.59 -2.81 -11.59
C VAL A 105 -3.97 -3.11 -13.02
N GLY A 106 -3.99 -2.09 -13.87
CA GLY A 106 -4.37 -2.30 -15.26
C GLY A 106 -3.41 -3.17 -16.04
N GLU A 107 -2.18 -3.34 -15.54
CA GLU A 107 -1.21 -4.17 -16.25
C GLU A 107 -1.21 -5.62 -15.79
N VAL A 108 -1.81 -5.92 -14.64
CA VAL A 108 -1.82 -7.29 -14.16
C VAL A 108 -2.68 -8.10 -15.11
N GLU A 109 -2.10 -9.14 -15.68
CA GLU A 109 -2.83 -10.06 -16.52
C GLU A 109 -2.75 -11.43 -15.86
N ILE A 110 -3.91 -11.96 -15.50
CA ILE A 110 -4.02 -13.29 -14.92
C ILE A 110 -5.27 -13.93 -15.50
N ASP A 111 -5.24 -15.24 -15.64
CA ASP A 111 -6.45 -15.93 -16.08
C ASP A 111 -7.33 -16.14 -14.85
N CYS A 112 -8.47 -15.45 -14.85
CA CYS A 112 -9.42 -15.64 -13.77
C CYS A 112 -10.79 -15.19 -14.24
N GLU A 113 -11.42 -15.98 -15.11
CA GLU A 113 -12.77 -15.63 -15.51
C GLU A 113 -13.79 -15.77 -14.37
N ASN A 114 -13.40 -16.37 -13.22
CA ASN A 114 -14.30 -16.49 -12.08
C ASN A 114 -14.82 -15.13 -11.66
N ALA A 115 -13.90 -14.19 -11.53
CA ALA A 115 -14.11 -12.89 -10.95
C ALA A 115 -13.29 -11.89 -11.74
N SER A 116 -13.70 -10.62 -11.72
CA SER A 116 -12.96 -9.55 -12.37
C SER A 116 -12.39 -8.62 -11.32
N PHE A 117 -11.36 -7.88 -11.71
CA PHE A 117 -10.77 -6.90 -10.82
C PHE A 117 -10.44 -5.63 -11.59
N GLY A 118 -10.31 -4.55 -10.84
CA GLY A 118 -9.91 -3.30 -11.42
C GLY A 118 -9.77 -2.27 -10.33
N ILE A 119 -9.99 -1.02 -10.71
CA ILE A 119 -9.94 0.10 -9.77
C ILE A 119 -11.24 0.87 -9.93
N PRO A 120 -11.64 1.62 -8.92
CA PRO A 120 -12.88 2.36 -9.02
C PRO A 120 -12.69 3.57 -9.94
N LYS A 121 -13.80 4.03 -10.48
CA LYS A 121 -13.79 5.23 -11.31
C LYS A 121 -13.34 6.44 -10.50
N GLN A 122 -12.52 7.28 -11.10
CA GLN A 122 -11.97 8.40 -10.37
C GLN A 122 -11.61 9.53 -11.32
N THR A 123 -11.47 10.73 -10.74
CA THR A 123 -11.02 11.89 -11.49
C THR A 123 -10.26 12.81 -10.55
N VAL A 124 -9.46 13.71 -11.10
CA VAL A 124 -8.56 14.52 -10.28
C VAL A 124 -9.04 15.97 -10.26
N ILE A 125 -9.11 16.54 -9.06
CA ILE A 125 -9.47 17.94 -8.86
C ILE A 125 -8.25 18.64 -8.26
N TYR A 126 -7.59 19.50 -9.04
CA TYR A 126 -6.33 20.06 -8.56
C TYR A 126 -6.49 21.29 -7.69
N ASP A 127 -7.45 22.18 -7.94
CA ASP A 127 -7.50 23.43 -7.19
C ASP A 127 -8.94 23.91 -7.08
N ALA A 128 -9.10 25.10 -6.48
CA ALA A 128 -10.42 25.68 -6.24
C ALA A 128 -11.22 25.84 -7.54
N LYS A 129 -10.56 26.37 -8.59
CA LYS A 129 -11.26 26.57 -9.85
C LYS A 129 -11.86 25.28 -10.36
N MET A 130 -11.14 24.17 -10.19
CA MET A 130 -11.57 22.91 -10.75
C MET A 130 -12.74 22.32 -9.99
N VAL A 131 -12.84 22.60 -8.68
CA VAL A 131 -14.05 22.21 -7.95
C VAL A 131 -15.27 22.85 -8.58
N SER A 132 -15.14 24.12 -8.97
CA SER A 132 -16.25 24.85 -9.61
C SER A 132 -16.60 24.27 -10.97
N ALA A 133 -15.64 23.68 -11.67
CA ALA A 133 -15.92 23.10 -12.97
C ALA A 133 -16.41 21.66 -12.88
N ILE A 134 -16.59 21.11 -11.67
CA ILE A 134 -16.91 19.68 -11.52
C ILE A 134 -18.24 19.37 -12.20
N ASN A 135 -18.22 18.31 -13.02
CA ASN A 135 -19.43 17.71 -13.60
C ASN A 135 -19.22 16.19 -13.49
N LEU A 136 -19.78 15.60 -12.44
CA LEU A 136 -19.65 14.15 -12.28
C LEU A 136 -20.18 13.39 -13.50
N GLU A 137 -21.32 13.83 -14.06
CA GLU A 137 -22.02 13.01 -15.05
C GLU A 137 -21.14 12.69 -16.25
N ASN A 138 -20.55 13.71 -16.88
CA ASN A 138 -19.80 13.44 -18.12
C ASN A 138 -18.55 12.61 -17.87
N GLU A 139 -18.13 12.44 -16.61
CA GLU A 139 -17.11 11.49 -16.22
C GLU A 139 -17.68 10.11 -15.88
N GLY A 140 -18.99 9.91 -15.96
CA GLY A 140 -19.54 8.65 -15.51
C GLY A 140 -19.39 8.42 -14.03
N LEU A 141 -19.32 9.48 -13.25
CA LEU A 141 -19.30 9.39 -11.81
C LEU A 141 -20.67 9.76 -11.28
N GLU A 142 -20.99 9.22 -10.12
CA GLU A 142 -22.27 9.47 -9.47
C GLU A 142 -22.00 9.69 -7.99
N PHE A 143 -22.88 10.44 -7.34
CA PHE A 143 -22.62 10.69 -5.93
C PHE A 143 -22.74 9.42 -5.10
N PRO A 144 -22.55 9.52 -3.79
CA PRO A 144 -21.44 8.84 -3.12
C PRO A 144 -20.12 8.91 -3.91
N VAL A 145 -19.37 10.01 -3.77
CA VAL A 145 -17.96 10.00 -4.15
C VAL A 145 -17.12 10.17 -2.90
N ILE A 146 -15.87 9.75 -3.01
CA ILE A 146 -14.94 9.85 -1.91
C ILE A 146 -13.73 10.64 -2.39
N ALA A 147 -13.37 11.68 -1.64
CA ALA A 147 -12.25 12.55 -1.98
C ALA A 147 -11.03 12.14 -1.17
N LYS A 148 -9.93 11.83 -1.89
CA LYS A 148 -8.70 11.43 -1.24
C LYS A 148 -7.58 12.38 -1.59
N PRO A 149 -6.74 12.78 -0.62
CA PRO A 149 -5.63 13.67 -0.97
C PRO A 149 -4.79 13.04 -2.05
N LEU A 150 -4.33 13.87 -2.98
CA LEU A 150 -3.55 13.42 -4.14
C LEU A 150 -2.25 12.77 -3.72
N VAL A 151 -1.56 13.36 -2.75
CA VAL A 151 -0.25 12.88 -2.33
C VAL A 151 -0.45 11.93 -1.14
N ALA A 152 0.02 10.70 -1.30
CA ALA A 152 0.10 9.71 -0.22
C ALA A 152 1.54 9.76 0.30
N ASP A 153 1.78 10.61 1.29
CA ASP A 153 3.13 10.81 1.80
C ASP A 153 3.28 10.26 3.21
N GLY A 154 2.25 9.59 3.73
CA GLY A 154 2.23 9.12 5.08
C GLY A 154 1.95 10.17 6.14
N SER A 155 1.74 11.44 5.77
CA SER A 155 1.35 12.44 6.75
C SER A 155 -0.09 12.21 7.21
N ALA A 156 -0.43 12.83 8.35
CA ALA A 156 -1.81 12.79 8.80
C ALA A 156 -2.76 13.37 7.75
N LYS A 157 -2.40 14.52 7.18
CA LYS A 157 -3.17 15.15 6.12
C LYS A 157 -3.54 14.17 5.01
N SER A 158 -2.58 13.36 4.57
CA SER A 158 -2.79 12.49 3.43
C SER A 158 -3.81 11.39 3.71
N HIS A 159 -4.24 11.22 4.96
CA HIS A 159 -5.26 10.24 5.33
C HIS A 159 -6.61 10.88 5.63
N LYS A 160 -6.70 12.22 5.62
CA LYS A 160 -7.95 12.92 5.90
C LYS A 160 -8.83 12.87 4.67
N MET A 161 -9.95 12.19 4.76
CA MET A 161 -10.76 11.98 3.57
C MET A 161 -12.16 12.57 3.75
N LEU A 162 -12.87 12.67 2.63
CA LEU A 162 -14.18 13.30 2.60
C LEU A 162 -15.17 12.42 1.83
N LEU A 163 -16.29 12.09 2.45
CA LEU A 163 -17.42 11.50 1.76
C LEU A 163 -18.33 12.64 1.30
N VAL A 164 -18.65 12.70 0.01
CA VAL A 164 -19.54 13.72 -0.53
C VAL A 164 -20.82 13.03 -1.03
N PHE A 165 -21.96 13.43 -0.49
CA PHE A 165 -23.21 12.78 -0.85
C PHE A 165 -23.99 13.51 -1.94
N ASN A 166 -23.87 14.84 -2.06
CA ASN A 166 -24.61 15.57 -3.07
C ASN A 166 -23.82 16.79 -3.51
N LYS A 167 -24.44 17.60 -4.39
CA LYS A 167 -23.79 18.76 -4.98
C LYS A 167 -23.19 19.67 -3.92
N ASP A 168 -23.98 20.02 -2.90
CA ASP A 168 -23.40 20.66 -1.75
C ASP A 168 -22.56 19.64 -0.98
N GLY A 169 -21.51 20.11 -0.35
CA GLY A 169 -20.49 19.22 0.14
C GLY A 169 -19.31 19.13 -0.78
N LEU A 170 -19.53 19.25 -2.10
CA LEU A 170 -18.41 19.54 -2.99
C LEU A 170 -17.70 20.78 -2.50
N ARG A 171 -18.45 21.72 -1.94
CA ARG A 171 -17.88 22.93 -1.35
C ARG A 171 -16.86 22.61 -0.25
N LYS A 172 -16.88 21.41 0.32
CA LYS A 172 -15.94 21.10 1.40
C LYS A 172 -14.69 20.40 0.90
N LEU A 173 -14.53 20.21 -0.40
CA LEU A 173 -13.33 19.59 -0.92
C LEU A 173 -12.12 20.47 -0.63
N LYS A 174 -10.97 19.86 -0.33
CA LYS A 174 -9.73 20.59 -0.10
C LYS A 174 -8.68 20.08 -1.10
N PRO A 175 -8.65 20.62 -2.30
CA PRO A 175 -7.76 20.07 -3.38
C PRO A 175 -6.29 20.33 -3.07
N PRO A 176 -5.34 19.58 -3.71
CA PRO A 176 -5.45 18.55 -4.77
C PRO A 176 -5.97 17.22 -4.28
N ILE A 177 -7.04 16.75 -4.92
CA ILE A 177 -7.82 15.59 -4.51
C ILE A 177 -8.05 14.64 -5.68
N VAL A 178 -8.10 13.35 -5.37
CA VAL A 178 -8.68 12.36 -6.27
C VAL A 178 -10.15 12.23 -5.87
N LEU A 179 -11.03 12.32 -6.84
CA LEU A 179 -12.46 12.16 -6.62
C LEU A 179 -12.80 10.78 -7.18
N GLN A 180 -13.28 9.90 -6.31
CA GLN A 180 -13.40 8.48 -6.61
C GLN A 180 -14.82 8.02 -6.25
N GLU A 181 -15.41 7.18 -7.09
CA GLU A 181 -16.72 6.64 -6.75
C GLU A 181 -16.67 5.81 -5.47
N PHE A 182 -17.65 6.04 -4.61
CA PHE A 182 -17.83 5.22 -3.42
C PHE A 182 -18.54 3.93 -3.82
N VAL A 183 -17.95 2.80 -3.47
CA VAL A 183 -18.46 1.49 -3.86
C VAL A 183 -18.98 0.80 -2.62
N ASN A 184 -20.27 0.45 -2.61
CA ASN A 184 -20.83 -0.35 -1.53
C ASN A 184 -20.15 -1.70 -1.50
N HIS A 185 -19.51 -2.04 -0.36
CA HIS A 185 -18.69 -3.23 -0.30
C HIS A 185 -18.89 -4.03 1.00
N GLY A 186 -20.07 -3.94 1.61
CA GLY A 186 -20.29 -4.74 2.81
C GLY A 186 -19.43 -4.38 4.01
N ALA A 187 -18.84 -3.18 4.03
CA ALA A 187 -18.20 -2.60 5.23
C ALA A 187 -16.97 -3.40 5.68
N VAL A 188 -16.21 -3.94 4.74
CA VAL A 188 -15.06 -4.75 5.09
C VAL A 188 -14.07 -4.64 3.94
N ILE A 189 -12.79 -4.35 4.28
CA ILE A 189 -11.73 -4.38 3.28
C ILE A 189 -10.94 -5.67 3.50
N PHE A 190 -10.33 -6.14 2.44
CA PHE A 190 -9.42 -7.28 2.52
C PHE A 190 -8.02 -6.73 2.29
N LYS A 191 -7.22 -6.65 3.35
CA LYS A 191 -5.85 -6.19 3.24
C LYS A 191 -4.94 -7.37 2.94
N VAL A 192 -4.27 -7.30 1.81
CA VAL A 192 -3.42 -8.36 1.32
C VAL A 192 -1.97 -7.93 1.50
N TYR A 193 -1.21 -8.69 2.30
CA TYR A 193 0.20 -8.46 2.55
C TYR A 193 1.06 -9.37 1.66
N VAL A 194 2.12 -8.81 1.10
CA VAL A 194 2.97 -9.51 0.15
C VAL A 194 4.42 -9.39 0.60
N VAL A 195 5.14 -10.52 0.58
CA VAL A 195 6.58 -10.54 0.78
C VAL A 195 7.08 -11.45 -0.35
N GLY A 196 7.54 -10.84 -1.44
CA GLY A 196 7.95 -11.65 -2.58
C GLY A 196 6.75 -12.44 -3.08
N ASP A 197 6.81 -13.77 -2.99
CA ASP A 197 5.71 -14.62 -3.43
C ASP A 197 4.81 -15.08 -2.27
N TYR A 198 5.14 -14.70 -1.03
CA TYR A 198 4.27 -14.99 0.10
C TYR A 198 3.11 -14.01 0.16
N VAL A 199 1.92 -14.51 0.46
CA VAL A 199 0.70 -13.70 0.40
C VAL A 199 -0.16 -14.05 1.60
N LYS A 200 -0.48 -13.05 2.41
CA LYS A 200 -1.36 -13.22 3.55
C LYS A 200 -2.46 -12.16 3.48
N CYS A 201 -3.66 -12.51 3.92
CA CYS A 201 -4.78 -11.60 3.88
C CYS A 201 -5.46 -11.55 5.23
N VAL A 202 -5.97 -10.38 5.58
CA VAL A 202 -6.71 -10.16 6.82
C VAL A 202 -7.86 -9.22 6.52
N LYS A 203 -9.01 -9.47 7.13
CA LYS A 203 -10.15 -8.55 7.05
C LYS A 203 -9.94 -7.34 7.97
N ARG A 204 -10.54 -6.21 7.60
CA ARG A 204 -10.59 -5.06 8.50
C ARG A 204 -11.87 -4.27 8.27
N LYS A 205 -12.33 -3.60 9.32
CA LYS A 205 -13.53 -2.78 9.28
C LYS A 205 -13.40 -1.69 8.22
N SER A 206 -14.55 -1.28 7.67
CA SER A 206 -14.58 -0.29 6.59
C SER A 206 -15.84 0.55 6.76
N LEU A 207 -16.11 1.41 5.76
CA LEU A 207 -17.26 2.29 5.81
C LEU A 207 -18.54 1.54 5.45
N PRO A 208 -19.64 1.86 6.11
CA PRO A 208 -20.91 1.21 5.79
C PRO A 208 -21.40 1.56 4.39
N ASP A 209 -22.36 0.77 3.92
CA ASP A 209 -22.96 1.08 2.63
C ASP A 209 -23.84 2.31 2.75
N VAL A 210 -23.87 3.12 1.68
CA VAL A 210 -24.83 4.21 1.58
C VAL A 210 -26.14 3.59 1.08
N LYS A 211 -27.16 3.55 1.94
CA LYS A 211 -28.44 2.96 1.57
C LYS A 211 -29.21 3.97 0.72
N GLU A 212 -29.07 3.84 -0.60
CA GLU A 212 -29.74 4.75 -1.55
C GLU A 212 -31.25 4.79 -1.34
N ARG A 217 -28.44 11.84 4.46
CA ARG A 217 -29.34 11.63 5.59
C ARG A 217 -29.59 12.95 6.29
N LEU A 218 -28.67 13.33 7.17
CA LEU A 218 -28.72 14.62 7.83
C LEU A 218 -27.61 15.56 7.35
N GLU A 219 -26.71 15.08 6.50
CA GLU A 219 -25.52 15.85 6.11
C GLU A 219 -25.17 15.54 4.66
N SER A 220 -24.67 16.55 3.95
CA SER A 220 -24.28 16.39 2.57
C SER A 220 -22.80 16.04 2.41
N TYR A 221 -22.08 15.90 3.52
CA TYR A 221 -20.69 15.44 3.47
C TYR A 221 -20.36 14.82 4.82
N LEU A 222 -19.32 13.99 4.81
CA LEU A 222 -18.80 13.34 6.01
C LEU A 222 -17.28 13.21 5.95
N PRO A 223 -16.55 13.90 6.82
CA PRO A 223 -15.09 13.71 6.87
C PRO A 223 -14.73 12.51 7.74
N PHE A 224 -13.70 11.79 7.35
CA PHE A 224 -13.30 10.62 8.09
C PHE A 224 -11.83 10.36 7.83
N SER A 225 -11.24 9.49 8.63
CA SER A 225 -9.80 9.28 8.54
C SER A 225 -9.42 7.87 8.93
N GLN A 226 -8.45 7.79 9.81
CA GLN A 226 -8.03 6.55 10.46
C GLN A 226 -8.43 6.52 11.93
N VAL A 227 -8.18 7.61 12.68
CA VAL A 227 -8.63 7.71 14.06
C VAL A 227 -10.14 7.65 14.21
N SER A 228 -10.90 7.74 13.10
CA SER A 228 -12.36 7.70 13.15
C SER A 228 -12.89 6.29 13.44
N ASN A 236 -17.31 8.74 22.69
CA ASN A 236 -16.84 7.53 22.01
C ASN A 236 -17.73 6.33 22.31
N ASP A 237 -17.35 5.56 23.33
CA ASP A 237 -18.28 4.74 24.09
C ASP A 237 -19.34 5.68 24.67
N ASP A 238 -20.18 5.15 25.55
CA ASP A 238 -21.35 5.85 26.06
C ASP A 238 -22.42 5.96 24.97
N LYS A 239 -22.02 6.30 23.74
CA LYS A 239 -22.95 6.17 22.64
C LYS A 239 -23.13 4.69 22.30
N TYR A 240 -24.38 4.23 22.29
CA TYR A 240 -24.68 2.82 22.09
C TYR A 240 -24.42 2.41 20.64
N TYR A 241 -23.69 1.31 20.47
CA TYR A 241 -23.66 0.60 19.21
C TYR A 241 -23.13 -0.80 19.45
N LYS A 242 -23.63 -1.74 18.66
CA LYS A 242 -23.14 -3.11 18.65
C LYS A 242 -22.14 -3.22 17.50
N LEU A 243 -20.92 -3.61 17.81
CA LEU A 243 -19.87 -3.71 16.80
C LEU A 243 -20.20 -4.83 15.82
N MET A 244 -20.26 -4.50 14.53
CA MET A 244 -20.58 -5.51 13.54
C MET A 244 -19.44 -6.53 13.45
N ASN A 245 -19.79 -7.81 13.33
CA ASN A 245 -18.76 -8.78 13.00
C ASN A 245 -18.54 -8.89 11.51
N LEU A 246 -17.32 -9.31 11.19
CA LEU A 246 -16.90 -9.57 9.83
C LEU A 246 -16.85 -11.05 9.48
N GLU A 247 -17.11 -11.98 10.43
CA GLU A 247 -17.19 -13.42 10.11
C GLU A 247 -17.85 -13.75 8.78
N ASN A 248 -19.06 -13.25 8.58
CA ASN A 248 -19.88 -13.81 7.52
C ASN A 248 -19.56 -13.21 6.16
N ALA A 249 -18.80 -12.11 6.11
CA ALA A 249 -18.22 -11.64 4.85
C ALA A 249 -17.36 -12.73 4.21
N GLU A 250 -17.61 -13.01 2.93
CA GLU A 250 -16.82 -14.00 2.22
C GLU A 250 -15.49 -13.40 1.75
N TYR A 251 -14.41 -14.12 2.03
CA TYR A 251 -13.14 -13.81 1.40
C TYR A 251 -13.27 -13.87 -0.12
N PRO A 252 -12.57 -13.03 -0.86
CA PRO A 252 -12.34 -13.31 -2.26
C PRO A 252 -11.64 -14.65 -2.41
N PRO A 253 -11.72 -15.30 -3.56
CA PRO A 253 -11.10 -16.62 -3.70
C PRO A 253 -9.58 -16.56 -3.50
N LEU A 254 -9.06 -17.55 -2.78
CA LEU A 254 -7.62 -17.63 -2.49
C LEU A 254 -6.78 -17.60 -3.76
N SER A 255 -7.17 -18.35 -4.78
CA SER A 255 -6.35 -18.37 -5.98
C SER A 255 -6.31 -16.99 -6.63
N PHE A 256 -7.42 -16.26 -6.59
CA PHE A 256 -7.49 -14.94 -7.17
C PHE A 256 -6.63 -13.94 -6.40
N LEU A 257 -6.71 -13.96 -5.07
CA LEU A 257 -5.92 -13.03 -4.30
C LEU A 257 -4.41 -13.26 -4.51
N THR A 258 -3.97 -14.53 -4.53
CA THR A 258 -2.53 -14.75 -4.62
C THR A 258 -2.03 -14.51 -6.04
N ASN A 259 -2.83 -14.83 -7.07
CA ASN A 259 -2.43 -14.52 -8.44
C ASN A 259 -2.38 -13.01 -8.67
N ILE A 260 -3.34 -12.25 -8.13
CA ILE A 260 -3.27 -10.79 -8.28
C ILE A 260 -2.09 -10.22 -7.50
N ALA A 261 -1.83 -10.75 -6.30
CA ALA A 261 -0.68 -10.28 -5.53
C ALA A 261 0.63 -10.54 -6.26
N ARG A 262 0.79 -11.73 -6.85
CA ARG A 262 2.05 -11.99 -7.53
C ARG A 262 2.15 -11.29 -8.89
N GLY A 263 1.02 -11.06 -9.58
CA GLY A 263 1.05 -10.17 -10.73
C GLY A 263 1.44 -8.76 -10.36
N LEU A 264 0.89 -8.24 -9.24
CA LEU A 264 1.24 -6.89 -8.78
C LEU A 264 2.72 -6.80 -8.39
N ARG A 265 3.22 -7.81 -7.67
CA ARG A 265 4.63 -7.87 -7.35
C ARG A 265 5.47 -7.71 -8.59
N ARG A 266 5.07 -8.36 -9.68
CA ARG A 266 5.85 -8.30 -10.92
C ARG A 266 5.66 -6.96 -11.66
N VAL A 267 4.51 -6.31 -11.55
CA VAL A 267 4.30 -5.08 -12.33
C VAL A 267 4.83 -3.86 -11.58
N THR A 268 4.60 -3.80 -10.27
CA THR A 268 5.10 -2.68 -9.49
C THR A 268 6.60 -2.74 -9.30
N LYS A 269 7.20 -3.93 -9.47
CA LYS A 269 8.60 -4.21 -9.16
C LYS A 269 8.90 -4.08 -7.66
N LEU A 270 7.88 -4.16 -6.80
CA LEU A 270 8.05 -4.08 -5.35
C LEU A 270 8.02 -5.47 -4.73
N HIS A 271 8.95 -5.72 -3.82
CA HIS A 271 8.99 -6.99 -3.12
C HIS A 271 8.11 -6.99 -1.87
N LEU A 272 7.90 -5.83 -1.26
CA LEU A 272 7.24 -5.74 0.03
C LEU A 272 6.15 -4.69 -0.10
N PHE A 273 4.89 -5.08 0.03
CA PHE A 273 3.79 -4.12 -0.06
C PHE A 273 2.53 -4.79 0.47
N ASN A 274 1.51 -3.98 0.73
CA ASN A 274 0.19 -4.54 0.88
C ASN A 274 -0.76 -3.80 -0.05
N PHE A 275 -1.88 -4.42 -0.37
CA PHE A 275 -2.91 -3.73 -1.13
C PHE A 275 -4.27 -4.03 -0.50
N ASP A 276 -5.17 -3.07 -0.64
CA ASP A 276 -6.51 -3.13 -0.07
C ASP A 276 -7.51 -3.47 -1.19
N VAL A 277 -8.35 -4.47 -0.93
CA VAL A 277 -9.32 -4.98 -1.88
C VAL A 277 -10.71 -4.77 -1.30
N ILE A 278 -11.61 -4.25 -2.10
CA ILE A 278 -13.02 -4.35 -1.74
C ILE A 278 -13.78 -5.12 -2.83
N ARG A 279 -14.88 -5.73 -2.40
CA ARG A 279 -15.78 -6.43 -3.31
C ARG A 279 -16.84 -5.44 -3.71
N ASP A 280 -17.10 -5.33 -5.01
CA ASP A 280 -18.15 -4.46 -5.50
C ASP A 280 -19.46 -5.22 -5.34
N ASP A 281 -20.22 -4.91 -4.29
CA ASP A 281 -21.47 -5.64 -4.05
C ASP A 281 -22.54 -5.40 -5.12
N ARG A 282 -22.42 -4.36 -5.96
CA ARG A 282 -23.40 -4.20 -7.03
C ARG A 282 -23.34 -5.38 -7.99
N VAL A 283 -22.14 -5.75 -8.42
CA VAL A 283 -21.90 -7.00 -9.12
C VAL A 283 -21.66 -8.07 -8.06
N GLY A 284 -21.57 -9.32 -8.46
CA GLY A 284 -21.20 -10.22 -7.38
C GLY A 284 -19.70 -10.39 -7.24
N ASN A 285 -19.05 -10.55 -8.36
CA ASN A 285 -17.71 -11.11 -8.39
C ASN A 285 -16.73 -10.10 -8.97
N ARG A 286 -16.90 -8.82 -8.65
CA ARG A 286 -15.95 -7.79 -9.05
C ARG A 286 -15.24 -7.26 -7.81
N TYR A 287 -13.91 -7.23 -7.88
CA TYR A 287 -13.06 -6.78 -6.79
C TYR A 287 -12.28 -5.55 -7.22
N LEU A 288 -12.17 -4.57 -6.33
CA LEU A 288 -11.48 -3.32 -6.66
C LEU A 288 -10.30 -3.15 -5.72
N ILE A 289 -9.17 -2.83 -6.28
CA ILE A 289 -8.02 -2.44 -5.50
C ILE A 289 -8.09 -0.93 -5.31
N ILE A 290 -8.08 -0.50 -4.05
CA ILE A 290 -8.22 0.92 -3.74
C ILE A 290 -6.98 1.52 -3.10
N ASP A 291 -5.97 0.72 -2.74
CA ASP A 291 -4.83 1.26 -2.01
C ASP A 291 -3.70 0.25 -2.14
N ILE A 292 -2.50 0.76 -2.42
CA ILE A 292 -1.26 -0.03 -2.43
C ILE A 292 -0.20 0.77 -1.67
N ASN A 293 0.41 0.15 -0.67
CA ASN A 293 1.37 0.80 0.22
C ASN A 293 2.70 0.06 0.22
N TYR A 294 3.79 0.82 0.18
CA TYR A 294 5.13 0.23 0.25
C TYR A 294 5.47 -0.20 1.67
N PHE A 295 6.08 -1.43 1.79
CA PHE A 295 6.72 -1.93 3.00
C PHE A 295 5.90 -1.61 4.24
N PRO A 296 4.75 -2.24 4.42
CA PRO A 296 3.90 -1.95 5.57
C PRO A 296 4.42 -2.66 6.83
N GLY A 297 3.71 -2.47 7.94
CA GLY A 297 4.08 -3.10 9.19
C GLY A 297 3.88 -4.61 9.16
N TYR A 298 4.95 -5.36 9.36
CA TYR A 298 4.92 -6.82 9.32
C TYR A 298 5.01 -7.49 10.69
N ALA A 299 5.28 -6.73 11.77
CA ALA A 299 5.76 -7.35 13.00
C ALA A 299 4.72 -8.26 13.66
N LYS A 300 3.43 -8.04 13.41
CA LYS A 300 2.41 -8.89 13.99
C LYS A 300 1.86 -9.92 13.00
N MET A 301 2.35 -9.93 11.78
CA MET A 301 2.01 -11.03 10.88
C MET A 301 2.55 -12.30 11.52
N PRO A 302 1.75 -13.38 11.58
CA PRO A 302 2.26 -14.61 12.20
C PRO A 302 3.52 -15.05 11.48
N ASN A 303 4.51 -15.50 12.25
CA ASN A 303 5.71 -16.10 11.70
C ASN A 303 6.55 -15.09 10.90
N TYR A 304 6.38 -13.79 11.13
CA TYR A 304 6.99 -12.81 10.21
C TYR A 304 8.52 -12.91 10.21
N GLU A 305 9.15 -13.33 11.30
CA GLU A 305 10.61 -13.47 11.31
C GLU A 305 11.08 -14.53 10.32
N ARG A 306 10.43 -15.71 10.34
CA ARG A 306 10.82 -16.75 9.38
C ARG A 306 10.45 -16.34 7.96
N VAL A 307 9.30 -15.71 7.76
CA VAL A 307 8.91 -15.30 6.41
C VAL A 307 9.89 -14.26 5.86
N LEU A 308 10.23 -13.26 6.67
CA LEU A 308 11.17 -12.24 6.20
C LEU A 308 12.58 -12.81 6.04
N THR A 309 13.00 -13.69 6.95
CA THR A 309 14.33 -14.27 6.83
C THR A 309 14.46 -15.14 5.57
N ASP A 310 13.45 -15.99 5.32
CA ASP A 310 13.44 -16.81 4.11
C ASP A 310 13.37 -15.94 2.85
N PHE A 311 12.64 -14.83 2.91
CA PHE A 311 12.60 -13.91 1.76
C PHE A 311 13.98 -13.36 1.42
N PHE A 312 14.73 -12.89 2.42
CA PHE A 312 16.08 -12.38 2.20
C PHE A 312 17.01 -13.44 1.62
N TRP A 313 17.00 -14.64 2.22
CA TRP A 313 17.74 -15.76 1.67
C TRP A 313 17.40 -16.00 0.21
N ASP A 314 16.09 -16.10 -0.10
CA ASP A 314 15.66 -16.36 -1.47
C ASP A 314 16.16 -15.29 -2.45
N VAL A 315 15.90 -14.00 -2.16
CA VAL A 315 16.30 -12.95 -3.10
C VAL A 315 17.80 -12.74 -3.15
N LEU A 316 18.51 -12.94 -2.03
CA LEU A 316 19.95 -12.84 -2.08
C LEU A 316 20.56 -14.05 -2.75
N ASN A 317 19.91 -15.20 -2.64
CA ASN A 317 20.46 -16.40 -3.29
C ASN A 317 20.13 -16.40 -4.77
N GLN A 318 18.99 -15.82 -5.15
CA GLN A 318 18.71 -15.61 -6.57
C GLN A 318 19.70 -14.62 -7.16
N ASN A 319 19.83 -13.43 -6.53
CA ASN A 319 20.72 -12.40 -7.05
C ASN A 319 22.18 -12.82 -7.01
N ASP A 320 22.61 -13.52 -5.97
CA ASP A 320 23.99 -14.01 -5.94
C ASP A 320 24.23 -15.04 -7.02
N LYS A 321 23.18 -15.72 -7.46
CA LYS A 321 23.33 -16.71 -8.52
C LYS A 321 23.46 -16.06 -9.90
N SER A 322 23.25 -14.76 -9.99
CA SER A 322 23.41 -13.99 -11.22
C SER A 322 24.56 -13.00 -11.12
#